data_2ER0
#
_entry.id   2ER0
#
_cell.length_a   43.000
_cell.length_b   75.800
_cell.length_c   42.800
_cell.angle_alpha   90.00
_cell.angle_beta   97.00
_cell.angle_gamma   90.00
#
_symmetry.space_group_name_H-M   'P 1 21 1'
#
loop_
_entity.id
_entity.type
_entity.pdbx_description
1 polymer ENDOTHIAPEPSIN
2 polymer L364,099
#
loop_
_entity_poly.entity_id
_entity_poly.type
_entity_poly.pdbx_seq_one_letter_code
_entity_poly.pdbx_strand_id
1 'polypeptide(L)'
;STGSATTTPIDSLDDAYITPVQIGTPAQTLNLDFDTGSSDLWVFSSETTASEVDGQTIYTPSKSTTAKLLSGATWSISYG
DGSSSSGDVYTDTVSVGGLTVTGQAVESAKKVSSSFTEDSTIDGLLGLAFSTLNTVSPTQQKTFFDNAKASLDSPVFTAD
LGYHAPGTYNFGFIDTTAYTGSITYTAVSTKQGFWEWTSTGYAVGSGTFKSTSIDGIADTGTTLLYLPATVVSAYWAQVS
GAKSSSSVGGYVFPCSATLPSFTFGVGSARIVIPGDYIDFGPISTGSSSCFGGIQSSAGIGINIFGDVALKAAFVVFNGA
TTPTLGFASK
;
E
2 'polypeptide(L)' (IVA)HPFH(CHS)LF I
#
loop_
_chem_comp.id
_chem_comp.type
_chem_comp.name
_chem_comp.formula
CHS peptide-like '4-AMINO-5-CYCLOHEXYL-3-HYDROXY-PENTANOIC ACID' 'C11 H21 N O3'
IVA non-polymer 'ISOVALERIC ACID' 'C5 H10 O2'
#
# COMPACT_ATOMS: atom_id res chain seq x y z
N SER A 1 18.01 13.20 -9.60
CA SER A 1 16.71 13.86 -9.50
C SER A 1 15.91 13.33 -8.33
N THR A 2 14.94 14.09 -7.84
CA THR A 2 13.95 13.54 -6.93
C THR A 2 12.54 14.00 -7.24
N GLY A 3 11.61 13.53 -6.43
CA GLY A 3 10.17 13.78 -6.59
C GLY A 3 9.62 13.88 -5.16
N SER A 4 8.70 14.79 -4.90
CA SER A 4 7.72 14.57 -3.86
C SER A 4 6.29 14.81 -4.35
N ALA A 5 5.40 14.06 -3.73
CA ALA A 5 3.98 14.01 -4.03
C ALA A 5 3.19 13.77 -2.75
N THR A 6 2.12 14.50 -2.59
CA THR A 6 1.25 14.30 -1.43
C THR A 6 0.36 13.10 -1.71
N THR A 7 -0.11 12.48 -0.61
CA THR A 7 -0.98 11.28 -0.77
C THR A 7 -2.07 11.44 0.32
N THR A 8 -3.29 11.30 -0.04
CA THR A 8 -4.50 11.76 0.69
C THR A 8 -5.41 10.54 0.87
N PRO A 9 -5.89 10.24 2.06
CA PRO A 9 -6.79 9.06 2.19
C PRO A 9 -8.09 9.32 1.46
N ILE A 10 -8.65 8.27 0.91
CA ILE A 10 -9.84 8.27 0.05
C ILE A 10 -11.13 8.17 0.85
N ASP A 11 -11.02 7.87 2.16
CA ASP A 11 -12.14 8.27 3.00
C ASP A 11 -11.74 8.64 4.39
N SER A 12 -12.73 9.03 5.19
CA SER A 12 -12.57 9.25 6.62
C SER A 12 -12.04 8.05 7.38
N LEU A 13 -11.96 6.86 6.80
CA LEU A 13 -11.54 5.70 7.56
C LEU A 13 -10.01 5.50 7.52
N ASP A 14 -9.36 6.04 6.52
CA ASP A 14 -8.08 5.71 5.92
C ASP A 14 -8.04 4.37 5.21
N ASP A 15 -9.12 3.92 4.60
CA ASP A 15 -9.17 2.69 3.81
C ASP A 15 -8.05 2.61 2.79
N ALA A 16 -7.63 3.68 2.15
CA ALA A 16 -6.62 3.57 1.05
C ALA A 16 -6.11 4.98 0.73
N TYR A 17 -4.93 5.13 0.16
CA TYR A 17 -4.39 6.50 -0.05
C TYR A 17 -4.30 6.73 -1.54
N ILE A 18 -4.73 7.85 -2.09
CA ILE A 18 -4.43 8.05 -3.54
C ILE A 18 -3.43 9.16 -3.76
N THR A 19 -2.64 9.12 -4.81
CA THR A 19 -1.57 10.15 -5.01
C THR A 19 -1.69 10.54 -6.46
N PRO A 20 -1.75 11.78 -6.85
CA PRO A 20 -1.95 12.03 -8.33
C PRO A 20 -0.61 11.77 -9.05
N VAL A 21 -0.72 11.10 -10.18
CA VAL A 21 0.31 10.80 -11.14
C VAL A 21 0.04 11.40 -12.52
N GLN A 22 1.07 11.97 -13.12
CA GLN A 22 0.96 12.62 -14.45
C GLN A 22 1.35 11.65 -15.56
N ILE A 23 0.46 11.34 -16.46
CA ILE A 23 0.72 10.41 -17.58
C ILE A 23 0.53 11.07 -18.94
N GLY A 24 1.60 11.12 -19.73
CA GLY A 24 1.47 11.35 -21.18
C GLY A 24 1.85 12.79 -21.50
N THR A 25 1.49 13.31 -22.65
CA THR A 25 1.94 14.65 -23.09
C THR A 25 0.93 15.23 -24.07
N PRO A 26 0.28 16.32 -23.69
CA PRO A 26 0.31 16.82 -22.33
C PRO A 26 -0.23 15.90 -21.24
N ALA A 27 0.26 16.10 -20.03
CA ALA A 27 -0.06 15.35 -18.84
C ALA A 27 -1.56 15.10 -18.69
N GLN A 28 -1.96 13.86 -18.52
CA GLN A 28 -3.20 13.56 -17.82
C GLN A 28 -2.98 13.19 -16.40
N THR A 29 -3.77 13.80 -15.48
CA THR A 29 -3.47 13.42 -14.09
C THR A 29 -4.60 12.48 -13.65
N LEU A 30 -4.18 11.37 -13.10
CA LEU A 30 -4.94 10.26 -12.58
C LEU A 30 -4.67 10.10 -11.09
N ASN A 31 -5.60 9.61 -10.30
CA ASN A 31 -5.15 9.47 -8.87
C ASN A 31 -4.97 7.95 -8.71
N LEU A 32 -3.75 7.53 -8.49
CA LEU A 32 -3.42 6.09 -8.40
C LEU A 32 -3.16 5.78 -6.91
N ASP A 33 -3.48 4.59 -6.52
CA ASP A 33 -3.11 3.99 -5.22
C ASP A 33 -1.68 3.53 -5.25
N PHE A 34 -0.72 4.11 -4.55
CA PHE A 34 0.58 3.42 -4.54
C PHE A 34 0.54 2.17 -3.68
N ASP A 35 0.98 1.07 -4.25
CA ASP A 35 0.76 -0.26 -3.64
C ASP A 35 2.06 -1.07 -3.67
N THR A 36 2.61 -1.44 -2.52
CA THR A 36 4.01 -1.85 -2.50
C THR A 36 3.99 -3.39 -2.38
N GLY A 37 2.82 -3.89 -2.64
CA GLY A 37 2.50 -5.31 -2.58
C GLY A 37 2.27 -5.89 -3.96
N SER A 38 2.46 -5.11 -4.99
CA SER A 38 2.19 -5.49 -6.38
C SER A 38 3.09 -4.65 -7.28
N SER A 39 3.31 -5.05 -8.50
CA SER A 39 4.22 -4.42 -9.44
C SER A 39 3.61 -4.06 -10.78
N ASP A 40 2.35 -3.57 -10.74
CA ASP A 40 1.69 -3.19 -11.99
C ASP A 40 1.14 -1.77 -11.89
N LEU A 41 1.41 -0.95 -12.87
CA LEU A 41 0.86 0.44 -12.82
C LEU A 41 -0.28 0.40 -13.85
N TRP A 42 -1.50 0.18 -13.41
CA TRP A 42 -2.55 0.06 -14.45
C TRP A 42 -3.44 1.24 -14.41
N VAL A 43 -4.17 1.57 -15.45
CA VAL A 43 -5.06 2.75 -15.25
C VAL A 43 -6.35 2.46 -15.95
N PHE A 44 -7.48 2.90 -15.45
CA PHE A 44 -8.75 2.92 -16.20
C PHE A 44 -8.47 3.75 -17.46
N SER A 45 -9.08 3.47 -18.60
CA SER A 45 -8.63 4.19 -19.82
C SER A 45 -9.73 4.25 -20.85
N SER A 46 -9.37 4.71 -22.06
CA SER A 46 -10.44 4.87 -23.08
C SER A 46 -10.80 3.49 -23.61
N GLU A 47 -9.99 2.51 -23.26
CA GLU A 47 -10.19 1.10 -23.60
C GLU A 47 -11.07 0.36 -22.64
N THR A 48 -11.26 0.74 -21.52
CA THR A 48 -12.06 0.09 -20.47
C THR A 48 -13.53 0.03 -20.88
N THR A 49 -14.10 -1.16 -20.77
CA THR A 49 -15.52 -1.35 -21.10
C THR A 49 -16.33 -0.35 -20.29
N ALA A 50 -17.09 0.44 -21.02
CA ALA A 50 -17.91 1.54 -20.47
C ALA A 50 -18.74 1.13 -19.23
N SER A 51 -19.46 0.04 -19.34
CA SER A 51 -20.36 -0.41 -18.26
C SER A 51 -19.62 -0.64 -16.94
N GLU A 52 -18.31 -0.55 -17.03
CA GLU A 52 -17.43 -0.85 -15.90
C GLU A 52 -16.62 0.36 -15.40
N VAL A 53 -17.00 1.57 -15.80
CA VAL A 53 -16.33 2.79 -15.26
C VAL A 53 -17.41 3.73 -14.60
N ASP A 54 -17.34 3.84 -13.22
CA ASP A 54 -18.28 4.70 -12.37
C ASP A 54 -17.47 5.83 -11.62
N GLY A 55 -17.30 6.96 -12.35
CA GLY A 55 -16.67 8.22 -11.81
C GLY A 55 -15.16 8.42 -12.11
N GLN A 56 -14.41 7.33 -12.18
CA GLN A 56 -12.94 7.39 -12.37
C GLN A 56 -12.54 8.13 -13.66
N THR A 57 -11.44 8.86 -13.52
CA THR A 57 -10.81 9.59 -14.62
C THR A 57 -9.94 8.60 -15.40
N ILE A 58 -10.27 8.41 -16.66
CA ILE A 58 -9.54 7.47 -17.52
C ILE A 58 -8.34 8.17 -18.16
N TYR A 59 -7.21 7.46 -18.31
CA TYR A 59 -6.12 7.65 -19.31
C TYR A 59 -6.66 7.37 -20.72
N THR A 60 -6.68 8.33 -21.59
CA THR A 60 -6.81 8.12 -23.04
C THR A 60 -5.44 8.17 -23.71
N PRO A 61 -5.03 7.07 -24.36
CA PRO A 61 -3.65 7.10 -24.91
C PRO A 61 -3.57 7.79 -26.23
N SER A 62 -4.65 7.85 -27.01
CA SER A 62 -4.61 8.52 -28.32
C SER A 62 -4.42 10.01 -28.16
N LYS A 63 -4.56 10.51 -26.94
CA LYS A 63 -4.45 11.99 -26.77
C LYS A 63 -3.07 12.31 -26.23
N SER A 64 -2.26 11.27 -26.07
CA SER A 64 -0.88 11.42 -25.58
C SER A 64 0.06 11.36 -26.76
N THR A 65 0.90 12.36 -26.95
CA THR A 65 1.70 12.38 -28.22
C THR A 65 2.85 11.39 -27.99
N THR A 66 3.18 11.22 -26.73
CA THR A 66 4.30 10.44 -26.24
C THR A 66 4.03 8.96 -26.19
N ALA A 67 2.78 8.55 -26.25
CA ALA A 67 2.36 7.17 -25.97
C ALA A 67 2.88 6.23 -27.04
N LYS A 68 3.12 4.95 -26.76
CA LYS A 68 3.24 3.95 -27.82
C LYS A 68 2.77 2.55 -27.51
N LEU A 69 2.13 1.85 -28.45
CA LEU A 69 1.53 0.52 -28.08
C LEU A 69 2.74 -0.39 -27.79
N LEU A 70 2.65 -1.26 -26.84
CA LEU A 70 3.65 -2.39 -26.69
C LEU A 70 2.94 -3.68 -27.21
N SER A 71 3.11 -3.93 -28.48
CA SER A 71 2.31 -4.87 -29.29
C SER A 71 2.84 -6.27 -29.00
N GLY A 72 1.95 -7.24 -28.95
CA GLY A 72 2.24 -8.43 -28.14
C GLY A 72 1.66 -8.31 -26.75
N ALA A 73 2.04 -7.27 -26.04
CA ALA A 73 2.03 -7.43 -24.57
C ALA A 73 0.61 -7.26 -24.03
N THR A 74 0.25 -8.23 -23.23
CA THR A 74 -1.01 -8.25 -22.48
C THR A 74 -0.63 -8.37 -21.02
N TRP A 75 -1.60 -8.21 -20.17
CA TRP A 75 -1.43 -8.30 -18.71
C TRP A 75 -2.79 -8.59 -18.08
N SER A 76 -2.75 -9.40 -17.06
CA SER A 76 -3.82 -9.94 -16.24
C SER A 76 -3.44 -10.04 -14.77
N ILE A 77 -4.30 -9.57 -13.88
CA ILE A 77 -4.01 -9.37 -12.46
C ILE A 77 -5.26 -9.55 -11.58
N SER A 78 -5.05 -10.30 -10.52
CA SER A 78 -5.91 -10.54 -9.38
C SER A 78 -5.27 -10.18 -8.05
N TYR A 79 -6.03 -9.65 -7.12
CA TYR A 79 -5.51 -9.23 -5.83
C TYR A 79 -5.99 -10.10 -4.70
N GLY A 80 -5.48 -9.90 -3.49
CA GLY A 80 -5.87 -10.80 -2.37
C GLY A 80 -7.37 -10.53 -2.11
N ASP A 81 -7.74 -9.30 -2.32
CA ASP A 81 -9.05 -8.72 -2.55
C ASP A 81 -10.00 -9.66 -3.27
N GLY A 82 -9.45 -10.63 -3.98
CA GLY A 82 -10.04 -11.24 -5.16
C GLY A 82 -10.43 -10.18 -6.17
N SER A 83 -9.73 -9.06 -6.15
CA SER A 83 -10.00 -8.01 -7.18
C SER A 83 -9.27 -8.33 -8.46
N SER A 84 -9.70 -7.88 -9.64
CA SER A 84 -9.03 -8.31 -10.85
C SER A 84 -9.15 -7.34 -11.99
N SER A 85 -8.53 -7.65 -13.13
CA SER A 85 -8.24 -6.58 -14.10
C SER A 85 -7.41 -7.11 -15.26
N SER A 86 -7.77 -6.81 -16.50
CA SER A 86 -6.85 -7.04 -17.61
C SER A 86 -6.89 -6.04 -18.74
N GLY A 87 -5.84 -6.05 -19.57
CA GLY A 87 -5.77 -5.11 -20.70
C GLY A 87 -4.54 -5.34 -21.57
N ASP A 88 -4.16 -4.30 -22.29
CA ASP A 88 -2.93 -4.30 -23.13
C ASP A 88 -1.98 -3.23 -22.64
N VAL A 89 -0.96 -2.75 -23.34
CA VAL A 89 0.10 -2.12 -22.51
C VAL A 89 0.87 -1.09 -23.31
N TYR A 90 0.87 0.16 -22.86
CA TYR A 90 1.48 1.25 -23.64
C TYR A 90 2.78 1.63 -22.93
N THR A 91 3.71 2.24 -23.66
CA THR A 91 4.74 2.95 -22.88
C THR A 91 4.57 4.44 -23.06
N ASP A 92 4.68 5.19 -21.98
CA ASP A 92 4.38 6.63 -21.94
C ASP A 92 5.22 7.31 -20.87
N THR A 93 5.36 8.61 -20.94
CA THR A 93 5.99 9.43 -19.90
C THR A 93 5.21 9.44 -18.62
N VAL A 94 5.82 9.05 -17.51
CA VAL A 94 5.05 9.22 -16.25
C VAL A 94 5.77 10.09 -15.27
N SER A 95 5.08 11.07 -14.68
CA SER A 95 5.76 11.87 -13.62
C SER A 95 5.08 11.73 -12.29
N VAL A 96 5.83 11.43 -11.23
CA VAL A 96 5.31 11.60 -9.87
C VAL A 96 5.93 12.72 -9.11
N GLY A 97 5.18 13.79 -8.86
CA GLY A 97 5.77 14.87 -8.00
C GLY A 97 6.99 15.42 -8.67
N GLY A 98 7.03 15.40 -9.99
CA GLY A 98 8.06 16.22 -10.71
C GLY A 98 9.31 15.40 -11.01
N LEU A 99 9.40 14.19 -10.51
CA LEU A 99 10.29 13.13 -11.03
C LEU A 99 9.63 12.51 -12.28
N THR A 100 10.27 12.69 -13.41
CA THR A 100 9.75 12.19 -14.71
C THR A 100 10.52 10.94 -15.11
N VAL A 101 9.84 9.95 -15.64
CA VAL A 101 10.37 8.70 -16.21
C VAL A 101 9.69 8.53 -17.58
N THR A 102 10.48 8.31 -18.59
CA THR A 102 9.97 8.15 -19.97
C THR A 102 9.93 6.68 -20.31
N GLY A 103 8.96 6.27 -21.11
CA GLY A 103 8.97 4.85 -21.52
C GLY A 103 8.60 3.94 -20.36
N GLN A 104 7.94 4.47 -19.36
CA GLN A 104 7.23 3.66 -18.34
C GLN A 104 6.17 2.81 -19.01
N ALA A 105 6.17 1.50 -18.89
CA ALA A 105 4.96 0.71 -19.17
C ALA A 105 3.74 1.18 -18.38
N VAL A 106 2.66 1.39 -19.06
CA VAL A 106 1.40 1.91 -18.46
C VAL A 106 0.28 0.97 -18.92
N GLU A 107 -0.26 0.18 -18.06
CA GLU A 107 -1.02 -1.01 -18.57
C GLU A 107 -2.47 -0.64 -18.64
N SER A 108 -3.08 -0.67 -19.80
CA SER A 108 -4.38 0.09 -19.91
C SER A 108 -5.54 -0.91 -19.88
N ALA A 109 -6.37 -0.81 -18.88
CA ALA A 109 -7.44 -1.76 -18.59
C ALA A 109 -8.46 -1.87 -19.67
N LYS A 110 -8.63 -3.07 -20.24
CA LYS A 110 -9.86 -3.27 -21.05
C LYS A 110 -10.99 -3.61 -20.13
N LYS A 111 -10.72 -4.40 -19.12
CA LYS A 111 -11.79 -4.81 -18.19
C LYS A 111 -11.47 -4.40 -16.76
N VAL A 112 -12.46 -4.17 -15.92
CA VAL A 112 -12.19 -4.21 -14.46
C VAL A 112 -13.27 -4.93 -13.65
N SER A 113 -12.89 -5.76 -12.71
CA SER A 113 -13.62 -6.06 -11.50
C SER A 113 -14.61 -5.08 -10.95
N SER A 114 -15.71 -5.58 -10.36
CA SER A 114 -16.69 -4.64 -9.81
C SER A 114 -16.19 -3.84 -8.65
N SER A 115 -15.38 -4.37 -7.76
CA SER A 115 -14.74 -3.60 -6.66
C SER A 115 -14.12 -2.31 -7.14
N PHE A 116 -13.44 -2.35 -8.30
CA PHE A 116 -12.72 -1.19 -8.82
C PHE A 116 -13.71 -0.22 -9.45
N THR A 117 -14.76 -0.74 -10.07
CA THR A 117 -15.68 0.17 -10.82
C THR A 117 -16.37 1.05 -9.74
N GLU A 118 -16.73 0.33 -8.69
CA GLU A 118 -17.50 0.90 -7.57
C GLU A 118 -16.65 1.96 -6.87
N ASP A 119 -15.34 1.82 -6.95
CA ASP A 119 -14.41 2.69 -6.21
C ASP A 119 -14.09 3.94 -7.03
N SER A 120 -14.95 4.94 -7.01
CA SER A 120 -14.83 6.12 -7.85
C SER A 120 -13.56 6.91 -7.55
N THR A 121 -12.92 6.69 -6.43
CA THR A 121 -11.80 7.52 -5.98
C THR A 121 -10.47 7.02 -6.48
N ILE A 122 -10.36 5.80 -6.96
CA ILE A 122 -9.02 5.30 -7.37
C ILE A 122 -8.99 5.11 -8.87
N ASP A 123 -8.01 5.66 -9.57
CA ASP A 123 -8.13 5.72 -11.05
C ASP A 123 -7.39 4.53 -11.60
N GLY A 124 -6.78 3.78 -10.67
CA GLY A 124 -5.70 2.86 -11.15
C GLY A 124 -4.74 2.65 -9.99
N LEU A 125 -3.79 1.76 -10.17
CA LEU A 125 -2.83 1.41 -9.10
C LEU A 125 -1.40 1.61 -9.66
N LEU A 126 -0.47 2.01 -8.86
CA LEU A 126 0.97 2.15 -9.10
C LEU A 126 1.79 1.19 -8.22
N GLY A 127 2.44 0.22 -8.80
CA GLY A 127 2.97 -0.97 -8.10
C GLY A 127 4.43 -0.83 -7.77
N LEU A 128 4.80 -1.24 -6.56
CA LEU A 128 6.04 -0.76 -5.94
C LEU A 128 6.78 -1.91 -5.26
N ALA A 129 6.29 -3.12 -5.41
CA ALA A 129 7.05 -4.35 -5.21
C ALA A 129 8.07 -4.65 -6.26
N PHE A 130 8.78 -5.73 -6.17
CA PHE A 130 9.85 -6.04 -7.13
C PHE A 130 9.21 -6.37 -8.46
N SER A 131 9.94 -6.10 -9.51
CA SER A 131 9.42 -6.26 -10.86
C SER A 131 9.11 -7.73 -11.18
N THR A 132 9.70 -8.64 -10.44
CA THR A 132 9.45 -10.08 -10.68
C THR A 132 7.97 -10.43 -10.55
N LEU A 133 7.18 -9.52 -10.02
CA LEU A 133 5.74 -9.78 -9.85
C LEU A 133 4.91 -9.05 -10.91
N ASN A 134 5.57 -8.45 -11.87
CA ASN A 134 4.83 -7.72 -12.92
C ASN A 134 4.06 -8.73 -13.76
N THR A 135 2.84 -8.40 -14.15
CA THR A 135 2.04 -9.41 -14.88
C THR A 135 2.03 -9.24 -16.40
N VAL A 136 2.81 -8.33 -16.95
CA VAL A 136 2.75 -8.17 -18.41
C VAL A 136 3.46 -9.34 -19.07
N SER A 137 2.93 -9.78 -20.17
CA SER A 137 3.58 -10.86 -20.90
C SER A 137 3.47 -10.57 -22.38
N PRO A 138 4.23 -11.27 -23.20
CA PRO A 138 5.21 -12.25 -22.70
C PRO A 138 6.45 -11.68 -21.96
N THR A 139 6.72 -10.38 -21.92
CA THR A 139 7.95 -9.90 -21.19
C THR A 139 7.58 -8.87 -20.10
N GLN A 140 7.97 -9.20 -18.88
CA GLN A 140 7.71 -8.37 -17.68
C GLN A 140 8.23 -6.94 -17.84
N GLN A 141 7.55 -6.02 -17.17
CA GLN A 141 7.86 -4.58 -17.24
C GLN A 141 8.22 -4.04 -15.85
N LYS A 142 9.26 -3.18 -15.84
CA LYS A 142 9.97 -2.70 -14.64
C LYS A 142 9.06 -1.70 -13.93
N THR A 143 9.04 -1.64 -12.61
CA THR A 143 8.09 -0.72 -11.93
C THR A 143 8.55 0.71 -12.14
N PHE A 144 7.78 1.70 -11.79
CA PHE A 144 8.20 3.11 -11.88
C PHE A 144 9.41 3.31 -11.00
N PHE A 145 9.51 2.56 -9.92
CA PHE A 145 10.73 2.79 -9.06
C PHE A 145 11.91 2.30 -9.89
N ASP A 146 11.67 1.20 -10.60
CA ASP A 146 12.84 0.53 -11.22
C ASP A 146 13.37 1.32 -12.39
N ASN A 147 12.47 1.70 -13.30
CA ASN A 147 12.66 2.85 -14.15
C ASN A 147 13.28 4.06 -13.52
N ALA A 148 12.76 4.63 -12.45
CA ALA A 148 13.35 5.82 -11.88
C ALA A 148 14.82 5.66 -11.49
N LYS A 149 15.24 4.53 -10.98
CA LYS A 149 16.38 4.34 -10.08
C LYS A 149 17.62 5.02 -10.65
N ALA A 150 17.75 5.07 -11.96
CA ALA A 150 19.08 5.34 -12.55
C ALA A 150 19.36 6.83 -12.44
N SER A 151 18.27 7.57 -12.27
CA SER A 151 18.27 9.00 -12.15
C SER A 151 18.09 9.51 -10.75
N LEU A 152 17.72 8.70 -9.78
CA LEU A 152 17.51 9.25 -8.40
C LEU A 152 18.84 9.66 -7.74
N ASP A 153 18.86 10.75 -7.02
CA ASP A 153 19.92 11.03 -6.07
C ASP A 153 20.30 9.89 -5.16
N SER A 154 19.32 9.19 -4.58
CA SER A 154 19.60 7.92 -3.89
C SER A 154 18.58 6.89 -4.31
N PRO A 155 18.91 5.59 -4.36
CA PRO A 155 17.86 4.75 -4.99
C PRO A 155 16.82 4.38 -3.96
N VAL A 156 16.10 5.35 -3.45
CA VAL A 156 15.11 5.04 -2.37
C VAL A 156 13.80 5.76 -2.70
N PHE A 157 12.76 5.36 -2.02
CA PHE A 157 11.52 6.12 -1.86
C PHE A 157 11.11 5.97 -0.40
N THR A 158 10.30 6.85 0.11
CA THR A 158 9.87 6.73 1.56
C THR A 158 8.36 6.99 1.57
N ALA A 159 7.70 6.33 2.49
CA ALA A 159 6.22 6.46 2.61
C ALA A 159 5.91 7.12 3.94
N ASP A 160 5.46 8.34 3.91
CA ASP A 160 4.99 8.97 5.16
C ASP A 160 3.47 9.07 5.06
N LEU A 161 2.77 7.99 5.38
CA LEU A 161 1.31 7.99 5.41
C LEU A 161 0.71 8.72 6.61
N GLY A 162 -0.47 9.33 6.43
CA GLY A 162 -1.04 10.22 7.46
C GLY A 162 -2.13 9.53 8.25
N TYR A 163 -2.29 9.83 9.55
CA TYR A 163 -3.48 9.26 10.24
C TYR A 163 -4.65 10.23 10.15
N HIS A 164 -5.73 9.83 9.48
CA HIS A 164 -6.80 10.68 8.95
C HIS A 164 -6.30 11.99 8.33
N ALA A 165 -5.24 11.95 7.53
CA ALA A 165 -4.67 13.21 7.04
C ALA A 165 -3.72 12.96 5.89
N PRO A 166 -3.37 14.01 5.14
CA PRO A 166 -2.47 13.70 3.99
C PRO A 166 -1.09 13.43 4.57
N GLY A 167 -0.17 13.16 3.68
CA GLY A 167 1.17 12.59 3.96
C GLY A 167 1.93 12.69 2.66
N THR A 168 2.91 11.85 2.41
CA THR A 168 3.84 12.13 1.31
C THR A 168 4.64 10.89 0.90
N TYR A 169 4.72 10.69 -0.40
CA TYR A 169 5.69 9.75 -0.99
C TYR A 169 6.79 10.63 -1.66
N ASN A 170 7.99 10.40 -1.23
CA ASN A 170 9.30 10.87 -1.59
C ASN A 170 10.10 9.84 -2.38
N PHE A 171 10.65 10.30 -3.50
CA PHE A 171 11.50 9.43 -4.33
C PHE A 171 12.87 10.06 -4.39
N GLY A 172 13.91 9.41 -3.89
CA GLY A 172 15.26 9.80 -4.31
C GLY A 172 16.02 10.43 -3.15
N PHE A 173 15.29 10.71 -2.08
CA PHE A 173 15.90 11.33 -0.89
C PHE A 173 15.12 10.96 0.37
N ILE A 174 15.80 11.13 1.50
CA ILE A 174 15.20 10.92 2.84
C ILE A 174 15.06 12.26 3.52
N ASP A 175 13.86 12.59 3.89
CA ASP A 175 13.55 13.89 4.50
C ASP A 175 13.67 13.82 6.02
N THR A 176 14.83 14.23 6.50
CA THR A 176 15.18 14.14 7.94
C THR A 176 14.36 15.05 8.87
N THR A 177 13.38 15.77 8.37
CA THR A 177 12.53 16.59 9.29
C THR A 177 11.20 15.87 9.45
N ALA A 178 11.15 14.76 8.76
CA ALA A 178 9.94 13.96 8.62
C ALA A 178 9.74 12.97 9.76
N TYR A 179 10.83 12.56 10.37
CA TYR A 179 10.75 11.57 11.45
C TYR A 179 11.54 12.03 12.67
N THR A 180 11.44 11.21 13.69
CA THR A 180 12.04 11.48 15.00
C THR A 180 12.98 10.35 15.39
N GLY A 181 14.11 10.72 15.95
CA GLY A 181 15.14 9.75 16.32
C GLY A 181 15.83 9.29 15.03
N SER A 182 16.26 8.04 15.04
CA SER A 182 16.99 7.43 13.92
C SER A 182 16.14 6.40 13.17
N ILE A 183 16.62 6.19 11.92
CA ILE A 183 16.01 5.11 11.10
C ILE A 183 16.63 3.78 11.54
N THR A 184 15.83 2.77 11.78
CA THR A 184 16.44 1.42 11.88
C THR A 184 16.22 0.65 10.62
N TYR A 185 17.28 0.07 10.07
CA TYR A 185 17.18 -0.66 8.81
C TYR A 185 17.05 -2.14 9.10
N THR A 186 16.13 -2.83 8.43
CA THR A 186 16.15 -4.30 8.49
C THR A 186 16.18 -4.91 7.10
N ALA A 187 16.59 -6.16 7.03
CA ALA A 187 16.95 -6.91 5.84
C ALA A 187 15.73 -7.35 5.05
N VAL A 188 15.78 -7.24 3.72
CA VAL A 188 14.58 -7.60 2.94
C VAL A 188 14.81 -8.84 2.12
N SER A 189 13.81 -9.69 2.03
CA SER A 189 13.87 -10.80 1.11
C SER A 189 12.90 -10.57 -0.04
N THR A 190 13.41 -10.75 -1.24
CA THR A 190 12.65 -10.66 -2.48
C THR A 190 12.46 -12.05 -3.09
N LYS A 191 12.63 -13.09 -2.32
CA LYS A 191 12.30 -14.46 -2.72
C LYS A 191 10.91 -14.59 -3.33
N GLN A 192 9.89 -14.08 -2.71
CA GLN A 192 8.51 -13.99 -3.20
C GLN A 192 8.28 -12.70 -3.94
N GLY A 193 9.29 -11.87 -4.10
CA GLY A 193 9.09 -10.60 -4.84
C GLY A 193 8.43 -9.51 -4.04
N PHE A 194 8.29 -9.64 -2.72
CA PHE A 194 7.69 -8.65 -1.82
C PHE A 194 8.74 -7.89 -1.02
N TRP A 195 8.32 -6.75 -0.47
CA TRP A 195 9.07 -6.12 0.63
C TRP A 195 8.96 -6.95 1.89
N GLU A 196 9.57 -8.14 1.86
CA GLU A 196 9.23 -9.09 2.94
C GLU A 196 10.32 -9.02 4.01
N TRP A 197 9.98 -8.77 5.25
CA TRP A 197 10.99 -8.62 6.32
C TRP A 197 10.56 -9.43 7.53
N THR A 198 11.45 -9.66 8.47
CA THR A 198 11.13 -10.23 9.78
C THR A 198 11.15 -9.34 10.97
N SER A 199 10.00 -8.90 11.46
CA SER A 199 9.84 -8.21 12.74
C SER A 199 10.36 -9.01 13.91
N THR A 200 10.72 -8.37 15.01
CA THR A 200 11.44 -9.10 16.05
C THR A 200 10.64 -9.42 17.28
N GLY A 201 9.39 -9.04 17.37
CA GLY A 201 8.63 -9.34 18.61
C GLY A 201 7.42 -8.42 18.66
N TYR A 202 6.91 -8.19 19.85
CA TYR A 202 5.69 -7.31 19.91
C TYR A 202 5.26 -7.14 21.35
N ALA A 203 4.63 -6.02 21.70
CA ALA A 203 4.11 -5.91 23.10
C ALA A 203 2.79 -5.13 22.95
N VAL A 204 1.86 -5.46 23.78
CA VAL A 204 0.49 -4.93 23.89
C VAL A 204 0.40 -4.02 25.11
N GLY A 205 -0.06 -2.81 24.91
CA GLY A 205 0.08 -1.70 25.82
C GLY A 205 1.45 -1.57 26.49
N SER A 206 1.41 -1.60 27.81
CA SER A 206 2.47 -1.33 28.77
C SER A 206 3.24 -2.62 29.11
N GLY A 207 2.90 -3.69 28.44
CA GLY A 207 3.20 -5.06 28.89
C GLY A 207 4.54 -5.49 28.32
N THR A 208 5.01 -6.67 28.69
CA THR A 208 6.28 -7.18 28.18
C THR A 208 6.35 -7.29 26.68
N PHE A 209 7.46 -6.85 26.09
CA PHE A 209 7.87 -7.19 24.72
C PHE A 209 8.28 -8.65 24.60
N LYS A 210 7.47 -9.41 23.91
CA LYS A 210 7.76 -10.82 23.62
C LYS A 210 8.60 -11.00 22.37
N SER A 211 9.66 -11.78 22.46
CA SER A 211 10.64 -11.85 21.35
C SER A 211 10.38 -13.01 20.44
N THR A 212 9.85 -12.70 19.24
CA THR A 212 9.33 -13.88 18.48
C THR A 212 9.13 -13.45 17.01
N SER A 213 9.76 -14.20 16.12
CA SER A 213 10.07 -13.64 14.78
C SER A 213 8.75 -13.57 14.02
N ILE A 214 8.43 -12.41 13.51
CA ILE A 214 7.22 -12.31 12.66
C ILE A 214 7.62 -11.87 11.24
N ASP A 215 7.83 -12.81 10.36
CA ASP A 215 7.99 -12.51 8.92
C ASP A 215 6.68 -11.98 8.37
N GLY A 216 6.69 -10.87 7.68
CA GLY A 216 5.41 -10.32 7.10
C GLY A 216 5.86 -9.53 5.88
N ILE A 217 4.96 -8.93 5.14
CA ILE A 217 5.26 -7.90 4.16
C ILE A 217 4.77 -6.52 4.57
N ALA A 218 5.51 -5.50 4.26
CA ALA A 218 5.21 -4.09 4.15
C ALA A 218 4.41 -3.73 2.93
N ASP A 219 3.17 -3.57 3.08
CA ASP A 219 2.26 -3.39 1.94
C ASP A 219 1.36 -2.17 2.18
N THR A 220 1.70 -1.11 1.48
CA THR A 220 0.97 0.17 1.55
C THR A 220 -0.38 0.01 0.86
N GLY A 221 -0.59 -1.19 0.36
CA GLY A 221 -1.80 -1.57 -0.41
C GLY A 221 -2.92 -2.11 0.49
N THR A 222 -2.56 -2.59 1.66
CA THR A 222 -3.56 -3.13 2.60
C THR A 222 -3.78 -2.15 3.74
N THR A 223 -5.04 -2.15 4.14
CA THR A 223 -5.60 -1.25 5.17
C THR A 223 -5.19 -1.61 6.59
N LEU A 224 -5.54 -2.81 7.00
CA LEU A 224 -5.28 -3.26 8.37
C LEU A 224 -3.94 -4.00 8.50
N LEU A 225 -3.64 -4.27 9.75
CA LEU A 225 -2.43 -4.98 10.20
C LEU A 225 -2.82 -6.46 10.41
N TYR A 226 -2.29 -7.32 9.57
CA TYR A 226 -2.60 -8.76 9.65
C TYR A 226 -1.41 -9.50 10.26
N LEU A 227 -1.68 -10.08 11.42
CA LEU A 227 -0.70 -10.80 12.22
C LEU A 227 -1.21 -12.21 12.55
N PRO A 228 -0.34 -13.13 13.01
CA PRO A 228 -0.75 -14.48 13.33
C PRO A 228 -1.82 -14.48 14.38
N ALA A 229 -2.69 -15.47 14.29
CA ALA A 229 -3.83 -15.64 15.22
C ALA A 229 -3.36 -15.46 16.67
N THR A 230 -2.27 -16.06 17.20
CA THR A 230 -2.12 -15.97 18.69
C THR A 230 -1.76 -14.55 19.07
N VAL A 231 -1.17 -13.79 18.14
CA VAL A 231 -0.72 -12.43 18.55
C VAL A 231 -1.92 -11.49 18.58
N VAL A 232 -2.72 -11.50 17.50
CA VAL A 232 -4.02 -10.85 17.53
C VAL A 232 -4.90 -11.27 18.68
N SER A 233 -4.95 -12.52 19.04
CA SER A 233 -5.75 -12.94 20.21
C SER A 233 -5.18 -12.36 21.49
N ALA A 234 -3.86 -12.30 21.57
CA ALA A 234 -3.22 -11.70 22.79
C ALA A 234 -3.65 -10.26 22.98
N TYR A 235 -3.60 -9.45 21.94
CA TYR A 235 -3.86 -8.00 21.98
C TYR A 235 -5.32 -7.77 22.34
N TRP A 236 -6.22 -8.35 21.57
CA TRP A 236 -7.67 -8.26 21.83
C TRP A 236 -8.05 -8.74 23.21
N ALA A 237 -7.27 -9.64 23.79
CA ALA A 237 -7.38 -9.95 25.19
C ALA A 237 -7.39 -8.80 26.16
N GLN A 238 -6.77 -7.66 25.91
CA GLN A 238 -6.72 -6.60 26.94
C GLN A 238 -7.85 -5.57 26.65
N VAL A 239 -8.83 -5.95 25.87
CA VAL A 239 -9.97 -5.07 25.57
C VAL A 239 -11.25 -5.79 25.91
N SER A 240 -11.83 -5.65 27.09
CA SER A 240 -13.16 -6.31 27.32
C SER A 240 -14.19 -5.86 26.32
N GLY A 241 -15.38 -6.46 26.22
CA GLY A 241 -16.24 -5.96 25.10
C GLY A 241 -15.72 -6.40 23.76
N ALA A 242 -14.43 -6.70 23.58
CA ALA A 242 -14.05 -7.14 22.19
C ALA A 242 -14.34 -8.62 22.00
N LYS A 243 -14.72 -8.97 20.77
CA LYS A 243 -14.78 -10.43 20.45
C LYS A 243 -14.57 -10.67 18.96
N SER A 244 -14.56 -11.96 18.57
CA SER A 244 -14.48 -12.27 17.13
C SER A 244 -15.91 -12.39 16.59
N SER A 245 -16.14 -11.98 15.37
CA SER A 245 -17.51 -11.89 14.80
C SER A 245 -17.58 -12.62 13.46
N SER A 246 -18.09 -13.85 13.39
CA SER A 246 -18.03 -14.53 12.03
C SER A 246 -19.06 -13.78 11.18
N SER A 247 -19.89 -13.02 11.86
CA SER A 247 -20.93 -12.26 11.08
C SER A 247 -20.18 -11.22 10.27
N VAL A 248 -19.34 -10.43 10.94
CA VAL A 248 -18.77 -9.20 10.30
C VAL A 248 -17.35 -9.47 9.79
N GLY A 249 -16.70 -10.47 10.33
CA GLY A 249 -15.56 -11.14 9.78
C GLY A 249 -14.27 -10.79 10.52
N GLY A 250 -14.27 -10.67 11.84
CA GLY A 250 -12.99 -10.41 12.56
C GLY A 250 -13.27 -9.73 13.90
N TYR A 251 -12.28 -9.13 14.56
CA TYR A 251 -12.44 -8.63 15.94
C TYR A 251 -13.17 -7.29 15.92
N VAL A 252 -14.16 -7.19 16.78
CA VAL A 252 -14.98 -5.97 16.91
C VAL A 252 -15.04 -5.61 18.39
N PHE A 253 -15.13 -4.33 18.69
CA PHE A 253 -15.10 -3.90 20.10
C PHE A 253 -15.94 -2.64 20.29
N PRO A 254 -16.45 -2.31 21.48
CA PRO A 254 -17.28 -1.14 21.59
C PRO A 254 -16.50 0.10 21.24
N CYS A 255 -17.13 0.91 20.40
CA CYS A 255 -16.59 2.18 19.91
C CYS A 255 -16.05 3.01 21.08
N SER A 256 -16.82 3.13 22.13
CA SER A 256 -16.40 3.93 23.29
C SER A 256 -15.06 3.41 23.89
N ALA A 257 -14.69 2.16 23.61
CA ALA A 257 -13.43 1.56 24.18
C ALA A 257 -12.21 2.51 24.05
N THR A 258 -11.12 2.07 24.65
CA THR A 258 -9.83 2.81 24.68
C THR A 258 -8.77 1.77 24.45
N LEU A 259 -8.44 1.55 23.22
CA LEU A 259 -7.54 0.43 22.88
C LEU A 259 -6.13 0.62 23.41
N PRO A 260 -5.46 -0.44 23.84
CA PRO A 260 -4.06 -0.33 24.22
C PRO A 260 -3.28 -0.13 22.95
N SER A 261 -2.11 0.45 23.02
CA SER A 261 -1.27 0.52 21.81
C SER A 261 -0.78 -0.88 21.44
N PHE A 262 0.02 -0.91 20.40
CA PHE A 262 0.64 -2.13 19.91
C PHE A 262 2.05 -1.81 19.44
N THR A 263 3.01 -2.49 20.02
CA THR A 263 4.41 -2.28 19.69
C THR A 263 4.96 -3.45 18.88
N PHE A 264 5.56 -3.13 17.75
CA PHE A 264 6.24 -4.17 16.94
C PHE A 264 7.71 -3.80 16.89
N GLY A 265 8.54 -4.83 16.94
CA GLY A 265 9.98 -4.61 16.94
C GLY A 265 10.55 -4.58 15.52
N VAL A 266 11.55 -3.74 15.37
CA VAL A 266 12.34 -3.61 14.14
C VAL A 266 13.79 -3.63 14.54
N GLY A 267 14.32 -4.81 14.44
CA GLY A 267 15.64 -5.05 14.94
C GLY A 267 15.55 -4.79 16.43
N SER A 268 16.46 -3.97 16.89
CA SER A 268 16.54 -3.62 18.30
C SER A 268 15.70 -2.38 18.62
N ALA A 269 14.98 -1.89 17.63
CA ALA A 269 14.12 -0.70 17.81
C ALA A 269 12.68 -1.15 18.03
N ARG A 270 11.83 -0.17 18.31
CA ARG A 270 10.41 -0.45 18.59
C ARG A 270 9.54 0.66 18.02
N ILE A 271 8.45 0.26 17.41
CA ILE A 271 7.51 1.21 16.80
C ILE A 271 6.15 1.11 17.49
N VAL A 272 5.61 2.26 17.92
CA VAL A 272 4.34 2.12 18.69
C VAL A 272 3.19 2.54 17.82
N ILE A 273 2.27 1.62 17.53
CA ILE A 273 0.92 2.01 17.13
C ILE A 273 0.11 2.58 18.22
N PRO A 274 -0.39 3.82 18.12
CA PRO A 274 -1.40 4.22 19.11
C PRO A 274 -2.58 3.30 19.15
N GLY A 275 -3.30 3.23 20.28
CA GLY A 275 -4.59 2.51 20.20
C GLY A 275 -5.42 3.15 19.09
N ASP A 276 -5.28 4.47 18.94
CA ASP A 276 -6.45 5.16 18.31
C ASP A 276 -6.39 4.81 16.83
N TYR A 277 -5.18 4.48 16.40
CA TYR A 277 -4.93 3.99 15.04
C TYR A 277 -5.72 2.69 14.84
N ILE A 278 -5.76 1.90 15.89
CA ILE A 278 -6.27 0.50 15.83
C ILE A 278 -7.77 0.52 16.01
N ASP A 279 -8.30 1.74 16.01
CA ASP A 279 -9.81 1.75 16.02
C ASP A 279 -10.23 2.04 14.60
N PHE A 280 -10.54 1.01 13.81
CA PHE A 280 -10.83 1.34 12.43
C PHE A 280 -12.06 2.18 12.27
N GLY A 281 -13.12 1.90 13.02
CA GLY A 281 -14.33 2.74 12.83
C GLY A 281 -15.57 1.92 12.92
N PRO A 282 -16.73 2.54 13.13
CA PRO A 282 -17.83 1.61 13.57
C PRO A 282 -18.27 0.77 12.36
N ILE A 283 -18.73 -0.40 12.63
CA ILE A 283 -18.69 -1.51 11.62
C ILE A 283 -19.76 -1.20 10.58
N SER A 284 -20.83 -0.56 11.02
CA SER A 284 -21.79 0.03 10.06
C SER A 284 -22.33 1.33 10.59
N THR A 285 -23.33 1.95 9.91
CA THR A 285 -23.31 3.40 10.25
C THR A 285 -24.09 3.78 11.45
N GLY A 286 -23.41 4.49 12.36
CA GLY A 286 -24.12 4.75 13.64
C GLY A 286 -23.92 3.63 14.63
N SER A 287 -23.35 2.50 14.26
CA SER A 287 -23.18 1.42 15.26
C SER A 287 -22.38 1.87 16.48
N SER A 288 -22.66 1.21 17.60
CA SER A 288 -21.80 1.40 18.80
C SER A 288 -20.65 0.41 18.83
N SER A 289 -20.67 -0.56 17.92
CA SER A 289 -19.57 -1.53 17.75
C SER A 289 -18.65 -1.06 16.63
N CYS A 290 -17.37 -1.01 16.93
CA CYS A 290 -16.41 -0.64 15.89
C CYS A 290 -15.69 -1.91 15.44
N PHE A 291 -15.15 -1.90 14.23
CA PHE A 291 -14.26 -2.97 13.74
C PHE A 291 -12.83 -2.73 14.21
N GLY A 292 -12.06 -3.74 14.54
CA GLY A 292 -10.65 -3.59 14.96
C GLY A 292 -9.63 -3.43 13.86
N GLY A 293 -8.45 -2.89 14.13
CA GLY A 293 -7.57 -2.62 12.96
C GLY A 293 -6.36 -3.54 13.04
N ILE A 294 -6.38 -4.38 14.07
CA ILE A 294 -5.52 -5.59 14.09
C ILE A 294 -6.30 -6.85 13.79
N GLN A 295 -5.91 -7.61 12.78
CA GLN A 295 -6.65 -8.80 12.41
C GLN A 295 -5.78 -9.99 12.05
N SER A 296 -6.37 -11.16 11.99
CA SER A 296 -5.64 -12.45 12.04
C SER A 296 -5.26 -12.75 10.59
N SER A 297 -4.01 -13.04 10.34
CA SER A 297 -3.56 -13.17 8.93
C SER A 297 -3.90 -14.58 8.50
N ALA A 298 -4.61 -15.33 9.31
CA ALA A 298 -4.34 -16.80 9.20
C ALA A 298 -5.04 -17.36 7.99
N GLY A 299 -6.04 -16.70 7.59
CA GLY A 299 -6.77 -17.04 6.36
C GLY A 299 -6.01 -16.53 5.13
N ILE A 300 -5.29 -15.43 5.28
CA ILE A 300 -4.54 -14.90 4.14
C ILE A 300 -3.34 -15.83 3.87
N GLY A 301 -2.49 -16.04 4.86
CA GLY A 301 -1.35 -16.98 4.71
C GLY A 301 0.00 -16.28 4.79
N ILE A 302 -0.09 -14.98 4.94
CA ILE A 302 1.08 -14.13 5.07
C ILE A 302 0.75 -12.96 5.96
N ASN A 303 1.66 -12.66 6.85
CA ASN A 303 1.52 -11.51 7.74
C ASN A 303 1.70 -10.26 6.89
N ILE A 304 0.85 -9.28 7.18
CA ILE A 304 0.85 -8.04 6.43
C ILE A 304 0.82 -6.81 7.34
N PHE A 305 1.91 -6.09 7.27
CA PHE A 305 2.04 -4.81 7.95
C PHE A 305 1.43 -3.78 7.02
N GLY A 306 0.13 -3.71 7.09
CA GLY A 306 -0.66 -2.80 6.26
C GLY A 306 -0.50 -1.36 6.74
N ASP A 307 -1.37 -0.56 6.17
CA ASP A 307 -1.45 0.90 6.38
C ASP A 307 -1.59 1.32 7.84
N VAL A 308 -2.21 0.50 8.67
CA VAL A 308 -2.42 0.91 10.07
C VAL A 308 -1.10 0.86 10.87
N ALA A 309 -0.17 0.06 10.40
CA ALA A 309 1.13 -0.07 11.07
C ALA A 309 2.14 0.89 10.45
N LEU A 310 2.14 1.09 9.16
CA LEU A 310 2.94 2.00 8.38
C LEU A 310 2.67 3.47 8.72
N LYS A 311 1.47 3.86 9.15
CA LYS A 311 1.13 5.28 9.30
C LYS A 311 1.54 5.77 10.66
N ALA A 312 1.78 4.84 11.57
CA ALA A 312 2.54 5.15 12.79
C ALA A 312 3.98 5.50 12.55
N ALA A 313 4.52 5.34 11.34
CA ALA A 313 5.97 5.36 11.12
C ALA A 313 6.42 6.20 9.96
N PHE A 314 7.71 6.48 9.90
CA PHE A 314 8.34 6.92 8.63
C PHE A 314 9.09 5.75 8.04
N VAL A 315 8.64 5.26 6.92
CA VAL A 315 9.25 4.03 6.37
C VAL A 315 10.07 4.37 5.14
N VAL A 316 11.24 3.78 5.05
CA VAL A 316 12.11 4.01 3.91
C VAL A 316 12.26 2.73 3.11
N PHE A 317 11.87 2.76 1.87
CA PHE A 317 12.09 1.61 0.99
C PHE A 317 13.42 1.82 0.29
N ASN A 318 14.42 1.07 0.75
CA ASN A 318 15.78 1.16 0.19
C ASN A 318 15.99 0.03 -0.81
N GLY A 319 16.17 0.44 -2.06
CA GLY A 319 16.30 -0.48 -3.19
C GLY A 319 17.71 -0.52 -3.78
N ALA A 320 18.73 -0.36 -2.96
CA ALA A 320 20.08 -0.57 -3.49
C ALA A 320 20.04 -2.03 -3.98
N THR A 321 21.16 -2.56 -4.43
CA THR A 321 21.21 -3.95 -4.97
C THR A 321 20.87 -5.01 -3.86
N THR A 322 21.14 -4.68 -2.61
CA THR A 322 20.74 -5.51 -1.46
C THR A 322 19.73 -4.64 -0.73
N PRO A 323 18.44 -4.79 -1.07
CA PRO A 323 17.41 -3.89 -0.59
C PRO A 323 17.11 -4.07 0.87
N THR A 324 16.79 -2.98 1.54
CA THR A 324 16.46 -3.02 2.99
C THR A 324 15.21 -2.18 3.25
N LEU A 325 14.71 -2.32 4.46
CA LEU A 325 13.54 -1.55 4.94
C LEU A 325 13.96 -0.70 6.14
N GLY A 326 13.77 0.61 6.03
CA GLY A 326 14.10 1.54 7.11
C GLY A 326 12.85 1.86 7.92
N PHE A 327 12.84 1.93 9.28
CA PHE A 327 11.56 2.39 9.92
C PHE A 327 11.96 3.43 10.98
N ALA A 328 11.37 4.58 11.04
CA ALA A 328 11.61 5.53 12.18
C ALA A 328 10.24 5.97 12.71
N SER A 329 10.17 6.31 13.97
CA SER A 329 8.99 6.97 14.57
C SER A 329 8.95 8.43 14.13
N LYS A 330 7.78 9.02 14.20
CA LYS A 330 7.44 10.32 13.66
C LYS A 330 6.48 11.05 14.57
CA IVA B 1 -15.53 -1.25 7.36
CB IVA B 1 -15.89 -2.73 7.52
CG1 IVA B 1 -14.65 -3.62 7.65
CG2 IVA B 1 -16.75 -3.03 8.75
C IVA B 1 -15.38 -1.55 5.87
O IVA B 1 -16.23 -2.15 5.22
N HIS B 2 -14.26 -1.13 5.29
CA HIS B 2 -14.07 -1.36 3.84
C HIS B 2 -12.59 -1.68 3.54
N PRO B 3 -12.00 -2.76 4.09
CA PRO B 3 -10.59 -3.11 3.84
C PRO B 3 -10.26 -3.37 2.39
N PHE B 4 -8.98 -3.15 2.11
CA PHE B 4 -8.33 -3.34 0.80
C PHE B 4 -7.15 -4.30 0.94
N HIS B 5 -7.01 -5.19 -0.02
CA HIS B 5 -5.89 -6.14 -0.06
C HIS B 5 -5.31 -6.22 -1.47
N CHS B 6 -4.29 -5.39 -1.65
CA CHS B 6 -3.58 -5.26 -2.93
CB CHS B 6 -3.61 -3.80 -3.42
CG CHS B 6 -4.99 -3.15 -3.46
CD1 CHS B 6 -5.97 -4.04 -4.26
CD2 CHS B 6 -4.88 -1.89 -4.07
CE1 CHS B 6 -7.36 -3.39 -4.33
CE2 CHS B 6 -6.25 -1.17 -4.09
CZ CHS B 6 -7.25 -1.98 -4.91
CH CHS B 6 -2.08 -5.61 -2.78
OH CHS B 6 -1.44 -4.67 -1.94
CM CHS B 6 -1.88 -7.00 -2.15
C CHS B 6 -2.10 -8.11 -3.19
O CHS B 6 -3.21 -8.34 -3.66
N LEU B 7 -1.02 -8.80 -3.55
CA LEU B 7 -1.14 -9.93 -4.49
C LEU B 7 -1.44 -11.18 -3.67
N PHE B 8 -0.82 -11.41 -2.62
#